data_4HQ6
#
_entry.id   4HQ6
#
_cell.length_a   75.595
_cell.length_b   75.595
_cell.length_c   188.783
_cell.angle_alpha   90.00
_cell.angle_beta   90.00
_cell.angle_gamma   120.00
#
_symmetry.space_group_name_H-M   'P 32 2 1'
#
loop_
_entity.id
_entity.type
_entity.pdbx_description
1 polymer 'Acetyl-CoA carboxylase 2'
2 water water
#
_entity_poly.entity_id   1
_entity_poly.type   'polypeptide(L)'
_entity_poly.pdbx_seq_one_letter_code
;MRGSGSMRPSM(SEP)GLHLVKRGREHKKIDLHRDFTVASPAEFVTRFGGDRVIEKVLIANNGIAAVKCMRSIRRWAYEM
FRNERAIRFVVMVTPEDLKANAEYIKMADHYVPVPGGPNNNNYANVELIVDIAKRIPVQAVWAGWGHASENPKLPELLCK
NGVAFLGPPSEAMWALGDKIASTVVAQTLQVPTLPWSGSGLTVEWTEDDLQQGKRISVPEDVYDKGCVKDVDEGLEAAER
IGFPLMIKASEGGGGKGIRKAESAEDFPILFRQVQSEIPGSPIFLMKLAQHARHLEVQILADQYGNAVSLFGRDCSIQRR
HQKIVEEAPATIAPLAIFEFMEQCAIRLAKTVGYVSAGTVEYLYSQDGSFHFLELNPRLQVEHPCTEMIADVNLPAAQLQ
IAMGVPLHRLKDIRLLYGESPWGVTPISFETPSNPPLARGHVIAARITSENPDEGFKPSSGTVQELNFRSSKNVWGYFSV
AATGGLHEFADSQFGHCFSWGENREEAISNMVVALKELSIRGDFRTTVEYLINLLETESFQNNDIDTGWLDYLIAEKVQA
EKPDIMLGVLEHHHHHH
;
_entity_poly.pdbx_strand_id   A
#
# COMPACT_ATOMS: atom_id res chain seq x y z
N HIS A 29 -33.28 20.12 11.40
CA HIS A 29 -32.04 19.34 11.10
C HIS A 29 -32.14 18.72 9.71
N ARG A 30 -31.15 18.99 8.87
CA ARG A 30 -31.13 18.49 7.51
C ARG A 30 -30.72 17.01 7.41
N ASP A 31 -31.22 16.34 6.37
CA ASP A 31 -30.91 14.93 6.13
C ASP A 31 -29.76 14.81 5.13
N PHE A 32 -28.66 14.20 5.56
CA PHE A 32 -27.48 14.04 4.70
C PHE A 32 -27.44 12.66 4.04
N THR A 33 -28.28 11.74 4.52
CA THR A 33 -28.34 10.39 3.98
C THR A 33 -29.13 10.32 2.67
N VAL A 34 -28.87 9.29 1.86
CA VAL A 34 -29.61 9.14 0.62
C VAL A 34 -30.31 7.79 0.57
N ALA A 35 -31.20 7.63 -0.41
CA ALA A 35 -31.98 6.41 -0.56
C ALA A 35 -31.15 5.19 -0.91
N SER A 36 -30.55 5.25 -2.08
CA SER A 36 -29.76 4.16 -2.60
C SER A 36 -28.40 4.63 -3.10
N PRO A 37 -27.55 3.67 -3.53
CA PRO A 37 -26.23 3.97 -4.06
C PRO A 37 -26.47 4.81 -5.30
N ALA A 38 -27.58 4.53 -5.97
CA ALA A 38 -27.97 5.26 -7.17
C ALA A 38 -28.11 6.76 -6.90
N GLU A 39 -28.88 7.12 -5.87
CA GLU A 39 -29.06 8.54 -5.55
C GLU A 39 -27.73 9.16 -5.13
N PHE A 40 -26.92 8.38 -4.42
CA PHE A 40 -25.61 8.88 -3.99
C PHE A 40 -24.76 9.27 -5.18
N VAL A 41 -24.60 8.34 -6.13
CA VAL A 41 -23.81 8.61 -7.33
C VAL A 41 -24.30 9.89 -7.99
N THR A 42 -25.61 10.00 -8.17
CA THR A 42 -26.19 11.17 -8.81
C THR A 42 -25.92 12.49 -8.09
N ARG A 43 -26.19 12.50 -6.79
CA ARG A 43 -25.99 13.69 -5.99
C ARG A 43 -24.53 14.03 -5.65
N PHE A 44 -23.61 13.08 -5.85
CA PHE A 44 -22.22 13.38 -5.53
C PHE A 44 -21.36 13.53 -6.77
N GLY A 45 -22.01 13.65 -7.91
CA GLY A 45 -21.30 13.85 -9.16
C GLY A 45 -20.52 12.67 -9.70
N GLY A 46 -20.91 11.47 -9.32
CA GLY A 46 -20.24 10.28 -9.80
C GLY A 46 -20.86 9.94 -11.14
N ASP A 47 -20.39 8.88 -11.78
CA ASP A 47 -20.91 8.48 -13.09
C ASP A 47 -20.98 6.98 -13.25
N ARG A 48 -21.35 6.28 -12.17
CA ARG A 48 -21.43 4.83 -12.23
C ARG A 48 -21.89 4.26 -10.90
N VAL A 49 -22.91 3.44 -10.95
CA VAL A 49 -23.45 2.85 -9.73
C VAL A 49 -22.89 1.47 -9.39
N ILE A 50 -22.16 1.40 -8.28
CA ILE A 50 -21.62 0.13 -7.81
C ILE A 50 -22.40 -0.16 -6.54
N GLU A 51 -23.01 -1.34 -6.47
CA GLU A 51 -23.79 -1.68 -5.28
C GLU A 51 -23.63 -3.16 -5.00
N LYS A 52 -22.80 -3.79 -5.80
CA LYS A 52 -22.50 -5.21 -5.64
C LYS A 52 -21.00 -5.29 -5.89
N VAL A 53 -20.24 -5.68 -4.88
CA VAL A 53 -18.80 -5.78 -5.01
C VAL A 53 -18.30 -7.18 -4.71
N LEU A 54 -17.33 -7.62 -5.50
CA LEU A 54 -16.73 -8.93 -5.33
C LEU A 54 -15.36 -8.74 -4.68
N ILE A 55 -15.09 -9.47 -3.60
CA ILE A 55 -13.79 -9.36 -2.92
C ILE A 55 -12.86 -10.50 -3.32
N ALA A 56 -11.94 -10.22 -4.24
CA ALA A 56 -10.97 -11.21 -4.71
C ALA A 56 -9.89 -11.44 -3.65
N ASN A 57 -10.27 -11.95 -2.50
CA ASN A 57 -9.27 -12.16 -1.45
C ASN A 57 -9.95 -12.76 -0.24
N ASN A 58 -9.20 -12.92 0.83
CA ASN A 58 -9.73 -13.49 2.07
C ASN A 58 -8.94 -12.88 3.22
N GLY A 59 -8.99 -13.53 4.38
CA GLY A 59 -8.27 -13.04 5.54
C GLY A 59 -8.58 -11.62 5.99
N ILE A 60 -7.59 -10.98 6.60
CA ILE A 60 -7.76 -9.63 7.10
C ILE A 60 -8.09 -8.61 6.01
N ALA A 61 -7.73 -8.91 4.76
CA ALA A 61 -8.06 -7.97 3.70
C ALA A 61 -9.56 -8.09 3.47
N ALA A 62 -10.04 -9.31 3.27
CA ALA A 62 -11.46 -9.51 3.06
C ALA A 62 -12.29 -8.84 4.18
N VAL A 63 -11.88 -9.03 5.43
CA VAL A 63 -12.61 -8.44 6.55
C VAL A 63 -12.52 -6.91 6.64
N LYS A 64 -11.28 -6.40 6.58
CA LYS A 64 -11.06 -4.96 6.67
C LYS A 64 -11.81 -4.24 5.56
N CYS A 65 -11.81 -4.82 4.37
CA CYS A 65 -12.50 -4.19 3.27
C CYS A 65 -13.97 -4.05 3.64
N MET A 66 -14.57 -5.13 4.11
CA MET A 66 -15.99 -5.11 4.48
C MET A 66 -16.31 -4.24 5.70
N ARG A 67 -15.45 -4.26 6.71
CA ARG A 67 -15.75 -3.44 7.86
C ARG A 67 -15.79 -1.98 7.47
N SER A 68 -14.74 -1.49 6.81
CA SER A 68 -14.66 -0.09 6.36
C SER A 68 -15.81 0.40 5.45
N ILE A 69 -16.14 -0.40 4.43
CA ILE A 69 -17.19 -0.01 3.49
C ILE A 69 -18.57 -0.04 4.13
N ARG A 70 -18.81 -1.01 5.01
CA ARG A 70 -20.11 -1.11 5.69
C ARG A 70 -20.24 0.02 6.68
N ARG A 71 -19.13 0.44 7.29
CA ARG A 71 -19.17 1.57 8.21
C ARG A 71 -19.66 2.77 7.43
N TRP A 72 -19.04 2.98 6.26
CA TRP A 72 -19.41 4.08 5.39
C TRP A 72 -20.85 3.92 4.90
N ALA A 73 -21.26 2.68 4.67
CA ALA A 73 -22.61 2.42 4.17
C ALA A 73 -23.67 2.87 5.18
N TYR A 74 -23.42 2.59 6.46
CA TYR A 74 -24.37 2.95 7.51
C TYR A 74 -24.44 4.45 7.77
N GLU A 75 -23.39 5.16 7.37
CA GLU A 75 -23.34 6.59 7.58
C GLU A 75 -24.05 7.31 6.44
N MET A 76 -24.08 6.66 5.29
CA MET A 76 -24.67 7.24 4.10
C MET A 76 -26.03 6.73 3.70
N PHE A 77 -26.37 5.52 4.14
CA PHE A 77 -27.65 4.89 3.81
C PHE A 77 -28.37 4.37 5.06
N ARG A 78 -27.81 4.62 6.23
CA ARG A 78 -28.41 4.10 7.46
C ARG A 78 -28.64 2.62 7.26
N ASN A 79 -27.94 2.05 6.29
CA ASN A 79 -28.05 0.63 6.03
C ASN A 79 -26.64 0.09 5.80
N GLU A 80 -26.23 -0.80 6.68
CA GLU A 80 -24.91 -1.39 6.61
C GLU A 80 -24.68 -2.31 5.39
N ARG A 81 -25.75 -2.85 4.83
CA ARG A 81 -25.61 -3.74 3.70
C ARG A 81 -26.05 -3.09 2.37
N ALA A 82 -25.98 -1.75 2.32
CA ALA A 82 -26.36 -1.04 1.10
C ALA A 82 -25.45 -1.51 -0.04
N ILE A 83 -24.18 -1.74 0.27
CA ILE A 83 -23.27 -2.22 -0.76
C ILE A 83 -23.04 -3.68 -0.42
N ARG A 84 -23.51 -4.53 -1.32
CA ARG A 84 -23.42 -5.97 -1.18
C ARG A 84 -22.01 -6.47 -1.44
N PHE A 85 -21.70 -7.64 -0.87
CA PHE A 85 -20.39 -8.23 -1.04
C PHE A 85 -20.50 -9.71 -1.36
N VAL A 86 -19.60 -10.18 -2.22
CA VAL A 86 -19.55 -11.59 -2.59
C VAL A 86 -18.09 -11.91 -2.35
N VAL A 87 -17.82 -13.03 -1.69
CA VAL A 87 -16.44 -13.41 -1.41
C VAL A 87 -16.15 -14.79 -1.99
N MET A 88 -14.88 -15.07 -2.24
CA MET A 88 -14.50 -16.37 -2.76
C MET A 88 -14.00 -17.20 -1.58
N VAL A 89 -14.48 -18.43 -1.49
CA VAL A 89 -14.10 -19.29 -0.39
C VAL A 89 -13.53 -20.63 -0.84
N THR A 90 -12.26 -20.87 -0.50
CA THR A 90 -11.62 -22.12 -0.84
C THR A 90 -11.99 -23.15 0.22
N PRO A 91 -11.83 -24.44 -0.10
CA PRO A 91 -12.14 -25.52 0.84
C PRO A 91 -11.44 -25.31 2.17
N GLU A 92 -10.21 -24.81 2.13
CA GLU A 92 -9.45 -24.57 3.36
C GLU A 92 -10.19 -23.58 4.26
N ASP A 93 -10.30 -22.34 3.80
CA ASP A 93 -10.97 -21.28 4.56
C ASP A 93 -12.39 -21.66 4.93
N LEU A 94 -13.03 -22.42 4.08
CA LEU A 94 -14.40 -22.83 4.34
C LEU A 94 -14.50 -23.77 5.55
N LYS A 95 -13.63 -24.78 5.59
CA LYS A 95 -13.66 -25.71 6.71
C LYS A 95 -13.21 -25.01 7.98
N ALA A 96 -12.19 -24.15 7.86
CA ALA A 96 -11.69 -23.41 9.01
C ALA A 96 -12.66 -22.31 9.43
N ASN A 97 -13.76 -22.18 8.69
CA ASN A 97 -14.77 -21.17 9.00
C ASN A 97 -14.21 -19.78 9.22
N ALA A 98 -13.73 -19.17 8.14
CA ALA A 98 -13.19 -17.83 8.22
C ALA A 98 -14.31 -16.84 8.51
N GLU A 99 -14.01 -15.85 9.33
CA GLU A 99 -14.97 -14.84 9.71
C GLU A 99 -15.53 -14.09 8.52
N TYR A 100 -14.72 -13.91 7.48
CA TYR A 100 -15.16 -13.17 6.30
C TYR A 100 -16.33 -13.79 5.52
N ILE A 101 -16.49 -15.11 5.62
CA ILE A 101 -17.57 -15.81 4.93
C ILE A 101 -18.93 -15.47 5.50
N LYS A 102 -19.11 -15.67 6.80
CA LYS A 102 -20.39 -15.35 7.43
C LYS A 102 -20.59 -13.84 7.41
N MET A 103 -19.52 -13.10 7.16
CA MET A 103 -19.63 -11.66 7.11
C MET A 103 -20.16 -11.20 5.75
N ALA A 104 -19.76 -11.91 4.69
CA ALA A 104 -20.18 -11.56 3.34
C ALA A 104 -21.68 -11.74 3.10
N ASP A 105 -22.19 -11.07 2.08
CA ASP A 105 -23.60 -11.16 1.74
C ASP A 105 -23.83 -12.41 0.91
N HIS A 106 -22.80 -12.80 0.16
CA HIS A 106 -22.85 -14.01 -0.66
C HIS A 106 -21.42 -14.50 -0.80
N TYR A 107 -21.24 -15.80 -0.99
CA TYR A 107 -19.89 -16.35 -1.16
C TYR A 107 -19.91 -17.45 -2.20
N VAL A 108 -18.84 -17.52 -2.98
CA VAL A 108 -18.73 -18.54 -4.02
C VAL A 108 -17.52 -19.39 -3.74
N PRO A 109 -17.71 -20.72 -3.67
CA PRO A 109 -16.65 -21.69 -3.40
C PRO A 109 -15.73 -21.80 -4.59
N VAL A 110 -14.42 -21.80 -4.35
CA VAL A 110 -13.43 -21.92 -5.41
C VAL A 110 -12.41 -23.01 -5.08
N PRO A 111 -11.65 -23.48 -6.08
CA PRO A 111 -10.62 -24.52 -5.87
C PRO A 111 -9.67 -24.17 -4.74
N GLY A 112 -9.22 -25.17 -4.00
CA GLY A 112 -8.29 -24.92 -2.92
C GLY A 112 -6.88 -24.90 -3.47
N GLY A 113 -5.91 -25.05 -2.58
CA GLY A 113 -4.51 -25.06 -2.99
C GLY A 113 -3.87 -23.69 -3.14
N PRO A 114 -2.75 -23.62 -3.87
CA PRO A 114 -2.06 -22.34 -4.09
C PRO A 114 -3.00 -21.35 -4.77
N ASN A 115 -2.82 -20.07 -4.47
CA ASN A 115 -3.67 -18.99 -4.99
C ASN A 115 -3.89 -18.88 -6.50
N ASN A 116 -3.01 -19.49 -7.30
CA ASN A 116 -3.18 -19.44 -8.76
C ASN A 116 -4.41 -20.22 -9.16
N ASN A 117 -4.91 -21.02 -8.22
CA ASN A 117 -6.11 -21.83 -8.44
C ASN A 117 -7.35 -21.10 -7.93
N ASN A 118 -7.14 -19.99 -7.20
CA ASN A 118 -8.26 -19.24 -6.62
C ASN A 118 -8.09 -17.72 -6.50
N TYR A 119 -7.71 -17.24 -5.32
CA TYR A 119 -7.57 -15.81 -5.08
C TYR A 119 -6.72 -15.06 -6.09
N ALA A 120 -5.65 -15.69 -6.56
CA ALA A 120 -4.76 -15.06 -7.51
C ALA A 120 -5.07 -15.40 -8.97
N ASN A 121 -6.20 -16.07 -9.21
CA ASN A 121 -6.55 -16.45 -10.57
C ASN A 121 -7.42 -15.42 -11.31
N VAL A 122 -6.76 -14.51 -12.02
CA VAL A 122 -7.44 -13.45 -12.75
C VAL A 122 -8.60 -13.90 -13.62
N GLU A 123 -8.43 -14.99 -14.36
CA GLU A 123 -9.49 -15.47 -15.23
C GLU A 123 -10.70 -15.92 -14.42
N LEU A 124 -10.45 -16.48 -13.23
CA LEU A 124 -11.54 -16.90 -12.36
C LEU A 124 -12.29 -15.68 -11.81
N ILE A 125 -11.54 -14.75 -11.21
CA ILE A 125 -12.13 -13.54 -10.66
C ILE A 125 -13.00 -12.81 -11.68
N VAL A 126 -12.48 -12.59 -12.88
CA VAL A 126 -13.25 -11.88 -13.90
C VAL A 126 -14.48 -12.70 -14.28
N ASP A 127 -14.33 -14.03 -14.21
CA ASP A 127 -15.42 -14.94 -14.54
C ASP A 127 -16.56 -14.82 -13.54
N ILE A 128 -16.22 -14.91 -12.25
CA ILE A 128 -17.21 -14.79 -11.18
C ILE A 128 -17.83 -13.39 -11.17
N ALA A 129 -17.01 -12.37 -11.38
CA ALA A 129 -17.48 -11.00 -11.42
C ALA A 129 -18.63 -10.82 -12.43
N LYS A 130 -18.54 -11.53 -13.55
CA LYS A 130 -19.53 -11.47 -14.62
C LYS A 130 -20.81 -12.25 -14.36
N ARG A 131 -20.67 -13.50 -13.93
CA ARG A 131 -21.80 -14.37 -13.66
C ARG A 131 -22.83 -13.94 -12.61
N ILE A 132 -22.37 -13.27 -11.55
CA ILE A 132 -23.26 -12.84 -10.47
C ILE A 132 -24.43 -11.94 -10.90
N PRO A 133 -24.14 -10.73 -11.41
CA PRO A 133 -22.84 -10.10 -11.66
C PRO A 133 -22.61 -9.03 -10.58
N VAL A 134 -21.40 -8.50 -10.52
CA VAL A 134 -21.09 -7.45 -9.57
C VAL A 134 -20.71 -6.22 -10.41
N GLN A 135 -20.66 -5.04 -9.81
CA GLN A 135 -20.28 -3.86 -10.57
C GLN A 135 -18.82 -3.52 -10.35
N ALA A 136 -18.16 -4.28 -9.48
CA ALA A 136 -16.77 -4.00 -9.18
C ALA A 136 -16.09 -5.07 -8.34
N VAL A 137 -14.76 -5.04 -8.39
CA VAL A 137 -13.92 -5.95 -7.67
C VAL A 137 -12.89 -5.18 -6.83
N TRP A 138 -12.53 -5.77 -5.69
CA TRP A 138 -11.56 -5.19 -4.75
C TRP A 138 -10.59 -6.33 -4.52
N ALA A 139 -9.30 -6.07 -4.59
CA ALA A 139 -8.34 -7.14 -4.34
C ALA A 139 -7.43 -6.79 -3.17
N GLY A 140 -7.37 -5.50 -2.87
CA GLY A 140 -6.56 -5.03 -1.76
C GLY A 140 -5.06 -5.18 -1.93
N TRP A 141 -4.50 -6.19 -1.27
CA TRP A 141 -3.07 -6.43 -1.32
C TRP A 141 -2.85 -7.92 -1.33
N GLY A 142 -1.72 -8.33 -1.91
CA GLY A 142 -1.40 -9.75 -2.02
C GLY A 142 -2.10 -10.34 -3.22
N HIS A 143 -1.81 -11.60 -3.53
CA HIS A 143 -2.44 -12.27 -4.68
C HIS A 143 -2.36 -11.52 -6.02
N ALA A 144 -3.49 -11.42 -6.69
CA ALA A 144 -3.57 -10.76 -7.99
C ALA A 144 -3.81 -9.26 -7.92
N SER A 145 -3.52 -8.65 -6.78
CA SER A 145 -3.75 -7.21 -6.59
C SER A 145 -2.80 -6.28 -7.37
N GLU A 146 -1.64 -6.80 -7.76
CA GLU A 146 -0.69 -6.00 -8.51
C GLU A 146 -0.57 -6.45 -9.95
N ASN A 147 -1.51 -7.28 -10.41
CA ASN A 147 -1.47 -7.78 -11.76
C ASN A 147 -2.34 -6.93 -12.68
N PRO A 148 -1.73 -6.14 -13.57
CA PRO A 148 -2.46 -5.27 -14.49
C PRO A 148 -3.52 -5.97 -15.37
N LYS A 149 -3.34 -7.27 -15.59
CA LYS A 149 -4.30 -8.02 -16.38
C LYS A 149 -5.65 -8.10 -15.70
N LEU A 150 -5.67 -8.00 -14.37
CA LEU A 150 -6.93 -8.06 -13.62
C LEU A 150 -7.78 -6.82 -13.93
N PRO A 151 -7.25 -5.62 -13.68
CA PRO A 151 -8.09 -4.46 -14.00
C PRO A 151 -8.40 -4.38 -15.51
N GLU A 152 -7.52 -4.95 -16.32
CA GLU A 152 -7.71 -4.97 -17.78
C GLU A 152 -8.90 -5.83 -18.16
N LEU A 153 -8.88 -7.10 -17.74
CA LEU A 153 -9.98 -8.01 -18.02
C LEU A 153 -11.29 -7.55 -17.38
N LEU A 154 -11.19 -6.94 -16.19
CA LEU A 154 -12.41 -6.45 -15.56
C LEU A 154 -13.02 -5.31 -16.39
N CYS A 155 -12.18 -4.38 -16.85
CA CYS A 155 -12.66 -3.25 -17.64
C CYS A 155 -13.24 -3.71 -18.97
N LYS A 156 -12.60 -4.72 -19.56
CA LYS A 156 -13.00 -5.29 -20.84
C LYS A 156 -14.42 -5.88 -20.78
N ASN A 157 -14.89 -6.22 -19.58
CA ASN A 157 -16.23 -6.77 -19.43
C ASN A 157 -17.14 -5.84 -18.62
N GLY A 158 -16.77 -4.56 -18.58
CA GLY A 158 -17.59 -3.58 -17.86
C GLY A 158 -17.69 -3.77 -16.36
N VAL A 159 -16.60 -4.21 -15.74
CA VAL A 159 -16.55 -4.42 -14.30
C VAL A 159 -15.49 -3.52 -13.67
N ALA A 160 -15.92 -2.51 -12.89
CA ALA A 160 -14.99 -1.57 -12.28
C ALA A 160 -14.00 -2.22 -11.32
N PHE A 161 -12.90 -1.54 -11.08
CA PHE A 161 -11.85 -2.04 -10.20
C PHE A 161 -11.51 -1.01 -9.11
N LEU A 162 -11.49 -1.44 -7.85
CA LEU A 162 -11.15 -0.52 -6.77
C LEU A 162 -9.63 -0.47 -6.67
N GLY A 163 -9.05 0.26 -7.61
CA GLY A 163 -7.60 0.40 -7.68
C GLY A 163 -7.24 1.09 -8.97
N PRO A 164 -5.94 1.24 -9.29
CA PRO A 164 -5.51 1.89 -10.52
C PRO A 164 -5.89 1.06 -11.75
N PRO A 165 -6.14 1.71 -12.89
CA PRO A 165 -6.52 1.05 -14.15
C PRO A 165 -5.31 0.35 -14.80
N SER A 166 -5.55 -0.62 -15.67
CA SER A 166 -4.43 -1.32 -16.32
C SER A 166 -3.48 -0.37 -17.07
N GLU A 167 -4.05 0.63 -17.73
CA GLU A 167 -3.24 1.61 -18.46
C GLU A 167 -2.26 2.29 -17.52
N ALA A 168 -2.70 2.58 -16.29
CA ALA A 168 -1.85 3.26 -15.31
C ALA A 168 -0.73 2.37 -14.79
N MET A 169 -1.04 1.10 -14.53
CA MET A 169 -0.02 0.17 -14.03
C MET A 169 0.97 -0.15 -15.13
N TRP A 170 0.46 -0.38 -16.34
CA TRP A 170 1.32 -0.66 -17.49
C TRP A 170 2.29 0.52 -17.65
N ALA A 171 1.72 1.73 -17.64
CA ALA A 171 2.47 2.98 -17.79
C ALA A 171 3.54 3.15 -16.74
N LEU A 172 3.45 2.37 -15.69
CA LEU A 172 4.42 2.43 -14.59
C LEU A 172 5.46 1.33 -14.70
N GLY A 173 5.05 0.18 -15.25
CA GLY A 173 5.94 -0.96 -15.41
C GLY A 173 6.65 -1.35 -14.13
N ASP A 174 7.71 -2.14 -14.25
CA ASP A 174 8.47 -2.59 -13.11
C ASP A 174 9.34 -1.48 -12.52
N LYS A 175 10.30 -1.86 -11.68
CA LYS A 175 11.18 -0.89 -11.04
C LYS A 175 12.03 -0.21 -12.10
N ILE A 176 12.39 -0.93 -13.16
CA ILE A 176 13.18 -0.34 -14.22
C ILE A 176 12.40 0.82 -14.85
N ALA A 177 11.31 0.53 -15.53
CA ALA A 177 10.53 1.59 -16.14
C ALA A 177 10.24 2.68 -15.13
N SER A 178 9.54 2.36 -14.06
CA SER A 178 9.22 3.38 -13.08
C SER A 178 10.38 4.30 -12.69
N THR A 179 11.59 3.74 -12.50
CA THR A 179 12.75 4.58 -12.12
C THR A 179 13.13 5.53 -13.26
N VAL A 180 12.98 5.08 -14.50
CA VAL A 180 13.29 5.93 -15.63
C VAL A 180 12.28 7.07 -15.54
N VAL A 181 11.00 6.72 -15.38
CA VAL A 181 9.94 7.71 -15.24
C VAL A 181 10.21 8.63 -14.05
N ALA A 182 10.78 8.09 -12.98
CA ALA A 182 11.08 8.90 -11.80
C ALA A 182 12.11 9.97 -12.18
N GLN A 183 13.20 9.54 -12.81
CA GLN A 183 14.27 10.43 -13.24
C GLN A 183 13.77 11.38 -14.35
N THR A 184 12.84 10.92 -15.16
CA THR A 184 12.33 11.79 -16.19
C THR A 184 11.73 12.97 -15.44
N LEU A 185 11.00 12.66 -14.37
CA LEU A 185 10.35 13.69 -13.55
C LEU A 185 11.27 14.38 -12.55
N GLN A 186 12.58 14.12 -12.66
CA GLN A 186 13.55 14.74 -11.78
C GLN A 186 13.46 14.41 -10.29
N VAL A 187 13.06 13.19 -9.96
CA VAL A 187 12.99 12.76 -8.58
C VAL A 187 14.29 11.96 -8.43
N PRO A 188 15.02 12.15 -7.32
CA PRO A 188 16.26 11.40 -7.15
C PRO A 188 16.05 9.88 -7.16
N THR A 189 17.13 9.13 -7.38
CA THR A 189 17.08 7.67 -7.41
C THR A 189 18.47 7.17 -7.03
N LEU A 190 18.57 5.94 -6.53
CA LEU A 190 19.89 5.43 -6.17
C LEU A 190 20.66 5.08 -7.44
N PRO A 191 22.00 5.11 -7.37
CA PRO A 191 22.82 4.77 -8.54
C PRO A 191 22.40 3.40 -9.05
N TRP A 192 22.07 3.30 -10.33
CA TRP A 192 21.70 1.99 -10.83
C TRP A 192 22.09 1.79 -12.30
N SER A 193 21.88 0.59 -12.81
CA SER A 193 22.24 0.29 -14.18
C SER A 193 21.53 1.21 -15.16
N GLY A 194 20.49 1.88 -14.69
CA GLY A 194 19.73 2.77 -15.56
C GLY A 194 19.86 4.25 -15.24
N SER A 195 20.74 4.61 -14.31
CA SER A 195 20.94 6.01 -13.94
C SER A 195 21.09 6.89 -15.17
N GLY A 196 20.43 8.05 -15.17
CA GLY A 196 20.52 8.97 -16.28
C GLY A 196 19.55 8.75 -17.43
N LEU A 197 19.01 7.55 -17.56
CA LEU A 197 18.05 7.30 -18.62
C LEU A 197 16.78 8.10 -18.36
N THR A 198 16.33 8.87 -19.34
CA THR A 198 15.10 9.64 -19.20
C THR A 198 14.26 9.51 -20.48
N VAL A 199 13.01 9.95 -20.44
CA VAL A 199 12.14 9.88 -21.60
C VAL A 199 11.64 11.29 -21.88
N GLU A 200 11.41 11.62 -23.15
CA GLU A 200 10.94 12.97 -23.47
C GLU A 200 9.53 13.20 -22.93
N TRP A 201 9.43 14.10 -21.97
CA TRP A 201 8.14 14.41 -21.35
C TRP A 201 7.77 15.89 -21.50
N GLN A 208 -1.99 17.95 -20.40
CA GLN A 208 -2.61 17.96 -21.73
C GLN A 208 -3.20 16.59 -22.07
N GLY A 209 -3.00 15.64 -21.17
CA GLY A 209 -3.51 14.30 -21.39
C GLY A 209 -2.39 13.37 -21.80
N LYS A 210 -2.70 12.08 -21.93
CA LYS A 210 -1.72 11.08 -22.33
C LYS A 210 -0.74 10.81 -21.17
N ARG A 211 -0.71 9.57 -20.71
CA ARG A 211 0.19 9.21 -19.63
C ARG A 211 1.56 8.80 -20.17
N ILE A 212 2.60 9.14 -19.42
CA ILE A 212 3.97 8.84 -19.81
C ILE A 212 4.17 7.40 -20.25
N SER A 213 5.20 7.21 -21.07
CA SER A 213 5.53 5.90 -21.59
C SER A 213 7.05 5.80 -21.73
N VAL A 214 7.58 4.61 -21.56
CA VAL A 214 9.02 4.40 -21.67
C VAL A 214 9.29 3.49 -22.85
N PRO A 215 9.93 4.03 -23.90
CA PRO A 215 10.26 3.27 -25.12
C PRO A 215 11.06 2.01 -24.81
N GLU A 216 10.71 0.92 -25.49
CA GLU A 216 11.38 -0.35 -25.31
C GLU A 216 12.89 -0.24 -25.49
N ASP A 217 13.33 0.77 -26.23
CA ASP A 217 14.75 0.93 -26.46
C ASP A 217 15.40 1.72 -25.33
N VAL A 218 14.61 2.49 -24.60
CA VAL A 218 15.22 3.23 -23.50
C VAL A 218 15.23 2.29 -22.30
N TYR A 219 14.23 1.41 -22.25
CA TYR A 219 14.09 0.42 -21.17
C TYR A 219 15.26 -0.57 -21.15
N ASP A 220 15.70 -1.01 -22.33
CA ASP A 220 16.81 -1.95 -22.40
C ASP A 220 18.14 -1.34 -21.94
N LYS A 221 18.28 -0.02 -22.10
CA LYS A 221 19.51 0.64 -21.68
C LYS A 221 19.71 0.60 -20.16
N GLY A 222 18.72 0.08 -19.44
CA GLY A 222 18.82 0.00 -18.00
C GLY A 222 19.06 -1.42 -17.51
N CYS A 223 19.11 -2.37 -18.43
CA CYS A 223 19.34 -3.76 -18.03
C CYS A 223 20.76 -4.20 -18.41
N VAL A 224 21.11 -5.41 -18.01
CA VAL A 224 22.41 -5.98 -18.32
C VAL A 224 22.16 -7.39 -18.86
N LYS A 225 22.56 -7.61 -20.12
CA LYS A 225 22.36 -8.90 -20.77
C LYS A 225 23.38 -9.97 -20.45
N ASP A 226 24.48 -9.59 -19.81
CA ASP A 226 25.50 -10.59 -19.47
C ASP A 226 26.47 -10.11 -18.45
N VAL A 227 27.29 -11.03 -17.97
CA VAL A 227 28.29 -10.73 -16.96
C VAL A 227 29.18 -9.59 -17.44
N ASP A 228 29.34 -9.47 -18.76
CA ASP A 228 30.17 -8.42 -19.32
C ASP A 228 29.66 -7.02 -18.99
N GLU A 229 28.48 -6.67 -19.49
CA GLU A 229 27.96 -5.35 -19.20
C GLU A 229 27.51 -5.25 -17.75
N GLY A 230 27.41 -6.41 -17.10
CA GLY A 230 27.03 -6.42 -15.70
C GLY A 230 28.17 -5.83 -14.89
N LEU A 231 29.36 -6.40 -15.06
CA LEU A 231 30.55 -5.91 -14.37
C LEU A 231 30.82 -4.47 -14.77
N GLU A 232 30.43 -4.14 -16.00
CA GLU A 232 30.58 -2.79 -16.54
C GLU A 232 29.90 -1.83 -15.57
N ALA A 233 28.58 -1.97 -15.49
CA ALA A 233 27.73 -1.16 -14.62
C ALA A 233 28.18 -1.29 -13.18
N ALA A 234 28.57 -2.50 -12.80
CA ALA A 234 29.02 -2.79 -11.45
C ALA A 234 30.09 -1.80 -10.95
N GLU A 235 31.15 -1.63 -11.73
CA GLU A 235 32.24 -0.73 -11.33
C GLU A 235 31.82 0.74 -11.35
N ARG A 236 30.79 1.04 -12.14
CA ARG A 236 30.27 2.40 -12.25
C ARG A 236 29.35 2.75 -11.07
N ILE A 237 28.74 1.74 -10.47
CA ILE A 237 27.84 1.91 -9.32
C ILE A 237 28.61 1.68 -8.02
N GLY A 238 29.62 0.81 -8.08
CA GLY A 238 30.42 0.52 -6.90
C GLY A 238 29.79 -0.52 -6.00
N PHE A 239 30.62 -1.37 -5.41
CA PHE A 239 30.13 -2.40 -4.50
C PHE A 239 30.10 -1.82 -3.08
N PRO A 240 29.21 -2.34 -2.22
CA PRO A 240 28.26 -3.42 -2.56
C PRO A 240 27.04 -2.94 -3.35
N LEU A 241 26.41 -3.86 -4.07
CA LEU A 241 25.22 -3.55 -4.87
C LEU A 241 24.26 -4.73 -4.90
N MET A 242 23.13 -4.55 -5.59
CA MET A 242 22.15 -5.61 -5.67
C MET A 242 21.85 -5.99 -7.11
N ILE A 243 21.82 -7.29 -7.37
CA ILE A 243 21.50 -7.83 -8.68
C ILE A 243 20.04 -8.27 -8.52
N LYS A 244 19.14 -7.64 -9.26
CA LYS A 244 17.73 -7.95 -9.17
C LYS A 244 17.04 -8.15 -10.51
N ALA A 245 16.16 -9.16 -10.57
CA ALA A 245 15.39 -9.43 -11.77
C ALA A 245 14.12 -8.55 -11.67
N SER A 246 13.71 -7.93 -12.77
CA SER A 246 12.53 -7.09 -12.74
C SER A 246 11.34 -7.98 -12.38
N GLU A 247 11.30 -9.14 -13.03
CA GLU A 247 10.25 -10.14 -12.81
C GLU A 247 10.41 -10.78 -11.44
N GLY A 248 11.41 -10.32 -10.68
CA GLY A 248 11.68 -10.86 -9.35
C GLY A 248 10.66 -10.54 -8.27
N GLY A 249 10.98 -10.97 -7.05
CA GLY A 249 10.10 -10.75 -5.92
C GLY A 249 9.82 -12.04 -5.16
N GLY A 250 9.28 -11.90 -3.95
CA GLY A 250 8.98 -13.07 -3.14
C GLY A 250 10.23 -13.81 -2.73
N GLY A 251 11.30 -13.06 -2.47
CA GLY A 251 12.57 -13.66 -2.06
C GLY A 251 13.30 -14.35 -3.20
N LYS A 252 12.96 -13.99 -4.43
CA LYS A 252 13.61 -14.58 -5.59
C LYS A 252 14.16 -13.56 -6.58
N GLY A 253 15.09 -14.00 -7.42
CA GLY A 253 15.68 -13.14 -8.41
C GLY A 253 16.50 -12.00 -7.85
N ILE A 254 16.84 -12.06 -6.57
CA ILE A 254 17.64 -11.01 -5.97
C ILE A 254 18.94 -11.59 -5.44
N ARG A 255 19.97 -10.74 -5.36
CA ARG A 255 21.27 -11.17 -4.88
C ARG A 255 22.14 -10.00 -4.51
N LYS A 256 22.87 -10.12 -3.41
CA LYS A 256 23.76 -9.06 -2.98
C LYS A 256 25.19 -9.45 -3.35
N ALA A 257 25.82 -8.66 -4.22
CA ALA A 257 27.20 -8.92 -4.63
C ALA A 257 28.06 -7.84 -4.00
N GLU A 258 29.16 -8.26 -3.37
CA GLU A 258 30.04 -7.33 -2.69
C GLU A 258 31.39 -7.13 -3.35
N SER A 259 31.60 -7.80 -4.48
CA SER A 259 32.87 -7.69 -5.18
C SER A 259 32.69 -8.16 -6.62
N ALA A 260 33.67 -7.83 -7.46
CA ALA A 260 33.62 -8.21 -8.85
C ALA A 260 33.89 -9.71 -8.98
N GLU A 261 34.63 -10.27 -8.03
CA GLU A 261 34.97 -11.70 -8.07
C GLU A 261 33.74 -12.60 -8.02
N ASP A 262 32.81 -12.28 -7.12
CA ASP A 262 31.59 -13.07 -6.99
C ASP A 262 30.49 -12.64 -7.94
N PHE A 263 30.59 -11.41 -8.46
CA PHE A 263 29.56 -10.91 -9.35
C PHE A 263 29.05 -11.92 -10.39
N PRO A 264 29.94 -12.52 -11.19
CA PRO A 264 29.49 -13.48 -12.19
C PRO A 264 28.57 -14.61 -11.68
N ILE A 265 29.06 -15.44 -10.76
CA ILE A 265 28.23 -16.52 -10.23
C ILE A 265 26.87 -16.01 -9.73
N LEU A 266 26.90 -14.94 -8.94
CA LEU A 266 25.69 -14.36 -8.39
C LEU A 266 24.76 -13.85 -9.47
N PHE A 267 25.33 -13.34 -10.54
CA PHE A 267 24.50 -12.85 -11.63
C PHE A 267 23.84 -14.05 -12.33
N ARG A 268 24.61 -15.09 -12.57
CA ARG A 268 24.06 -16.27 -13.23
C ARG A 268 23.04 -16.98 -12.34
N GLN A 269 23.16 -16.77 -11.04
CA GLN A 269 22.22 -17.38 -10.12
C GLN A 269 20.85 -16.70 -10.24
N VAL A 270 20.88 -15.40 -10.50
CA VAL A 270 19.64 -14.65 -10.65
C VAL A 270 18.96 -15.08 -11.94
N GLN A 271 19.74 -15.42 -12.95
CA GLN A 271 19.16 -15.85 -14.20
C GLN A 271 18.52 -17.21 -14.08
N SER A 272 19.22 -18.13 -13.42
CA SER A 272 18.72 -19.49 -13.25
C SER A 272 17.41 -19.53 -12.45
N GLU A 273 17.25 -18.57 -11.55
CA GLU A 273 16.08 -18.48 -10.69
C GLU A 273 14.87 -17.92 -11.43
N ILE A 274 14.98 -16.73 -12.04
CA ILE A 274 13.87 -16.13 -12.78
C ILE A 274 14.28 -15.96 -14.24
N PRO A 275 14.47 -17.08 -14.96
CA PRO A 275 14.87 -17.07 -16.37
C PRO A 275 14.05 -16.17 -17.30
N GLY A 276 14.73 -15.51 -18.23
CA GLY A 276 14.08 -14.63 -19.16
C GLY A 276 13.92 -13.21 -18.64
N SER A 277 13.76 -13.09 -17.33
CA SER A 277 13.57 -11.79 -16.69
C SER A 277 14.67 -10.75 -16.90
N PRO A 278 14.29 -9.51 -17.24
CA PRO A 278 15.25 -8.44 -17.43
C PRO A 278 15.98 -8.25 -16.11
N ILE A 279 17.29 -8.04 -16.13
CA ILE A 279 18.01 -7.85 -14.88
C ILE A 279 18.69 -6.49 -14.79
N PHE A 280 18.65 -5.88 -13.60
CA PHE A 280 19.28 -4.59 -13.40
C PHE A 280 20.07 -4.57 -12.10
N LEU A 281 20.95 -3.58 -12.00
CA LEU A 281 21.79 -3.43 -10.81
C LEU A 281 21.41 -2.16 -10.06
N MET A 282 21.58 -2.17 -8.75
CA MET A 282 21.25 -0.99 -7.96
C MET A 282 22.09 -0.93 -6.70
N LYS A 283 22.66 0.25 -6.45
CA LYS A 283 23.52 0.48 -5.29
C LYS A 283 22.80 0.09 -4.00
N LEU A 284 23.48 -0.68 -3.16
CA LEU A 284 22.90 -1.10 -1.88
C LEU A 284 22.80 0.07 -0.92
N ALA A 285 21.56 0.39 -0.54
CA ALA A 285 21.26 1.48 0.39
C ALA A 285 22.01 1.31 1.70
N GLN A 286 22.84 2.29 2.04
CA GLN A 286 23.62 2.22 3.27
C GLN A 286 22.81 2.61 4.49
N HIS A 287 22.15 1.61 5.07
CA HIS A 287 21.32 1.78 6.27
C HIS A 287 20.80 3.23 6.40
N ALA A 288 19.55 3.42 6.00
CA ALA A 288 18.93 4.73 6.05
C ALA A 288 17.49 4.49 6.47
N ARG A 289 16.69 5.54 6.47
CA ARG A 289 15.30 5.41 6.86
C ARG A 289 14.42 5.17 5.64
N HIS A 290 13.40 4.34 5.81
CA HIS A 290 12.46 4.06 4.74
C HIS A 290 11.19 4.82 5.01
N LEU A 291 10.83 5.70 4.08
CA LEU A 291 9.62 6.48 4.22
C LEU A 291 8.64 6.25 3.08
N GLU A 292 7.36 6.31 3.41
CA GLU A 292 6.34 6.13 2.40
C GLU A 292 5.40 7.33 2.45
N VAL A 293 4.84 7.66 1.29
CA VAL A 293 3.88 8.74 1.17
C VAL A 293 2.60 8.07 0.71
N GLN A 294 1.48 8.41 1.35
CA GLN A 294 0.22 7.81 1.00
C GLN A 294 -0.47 8.63 -0.07
N ILE A 295 -0.62 8.05 -1.25
CA ILE A 295 -1.26 8.74 -2.35
C ILE A 295 -2.74 8.35 -2.47
N LEU A 296 -3.55 9.30 -2.93
CA LEU A 296 -4.98 9.08 -3.16
C LEU A 296 -5.41 9.92 -4.36
N ALA A 297 -5.90 9.28 -5.42
CA ALA A 297 -6.29 10.01 -6.63
C ALA A 297 -7.61 9.55 -7.27
N ASP A 298 -8.41 10.50 -7.74
CA ASP A 298 -9.67 10.17 -8.40
C ASP A 298 -9.44 9.91 -9.90
N GLN A 299 -10.52 9.92 -10.68
CA GLN A 299 -10.42 9.71 -12.12
C GLN A 299 -10.58 11.04 -12.84
N TYR A 300 -9.93 12.08 -12.34
CA TYR A 300 -10.05 13.40 -12.97
C TYR A 300 -8.74 14.16 -12.99
N GLY A 301 -7.64 13.47 -12.69
CA GLY A 301 -6.34 14.10 -12.67
C GLY A 301 -5.98 14.66 -11.32
N ASN A 302 -6.89 14.54 -10.35
CA ASN A 302 -6.64 15.03 -8.99
C ASN A 302 -6.03 13.98 -8.06
N ALA A 303 -4.92 14.32 -7.44
CA ALA A 303 -4.24 13.42 -6.53
C ALA A 303 -3.70 14.17 -5.31
N VAL A 304 -3.95 13.63 -4.12
CA VAL A 304 -3.47 14.24 -2.88
C VAL A 304 -2.63 13.28 -2.05
N SER A 305 -1.85 13.86 -1.15
CA SER A 305 -1.05 13.06 -0.23
C SER A 305 -1.82 13.06 1.07
N LEU A 306 -1.71 11.96 1.82
CA LEU A 306 -2.38 11.83 3.09
C LEU A 306 -1.27 11.52 4.07
N PHE A 307 -0.31 12.45 4.13
CA PHE A 307 0.85 12.28 4.99
C PHE A 307 1.55 10.99 4.59
N GLY A 308 2.42 10.48 5.44
CA GLY A 308 3.14 9.26 5.10
C GLY A 308 3.30 8.32 6.27
N ARG A 309 4.17 7.33 6.12
CA ARG A 309 4.42 6.35 7.17
C ARG A 309 5.91 6.14 7.29
N ASP A 310 6.37 5.81 8.50
CA ASP A 310 7.79 5.57 8.70
C ASP A 310 7.97 4.09 9.02
N CYS A 311 8.54 3.35 8.08
CA CYS A 311 8.76 1.92 8.28
C CYS A 311 10.23 1.56 8.13
N SER A 312 11.04 2.09 9.03
CA SER A 312 12.47 1.82 9.03
C SER A 312 12.75 0.56 9.83
N ILE A 313 12.15 0.44 11.01
CA ILE A 313 12.34 -0.75 11.83
C ILE A 313 11.86 -2.01 11.09
N GLN A 314 12.79 -2.90 10.75
CA GLN A 314 12.46 -4.14 10.04
C GLN A 314 13.30 -5.32 10.51
N ARG A 315 12.70 -6.51 10.53
CA ARG A 315 13.42 -7.72 10.94
C ARG A 315 13.41 -8.75 9.82
N ARG A 316 14.54 -8.86 9.12
CA ARG A 316 14.68 -9.80 8.02
C ARG A 316 13.60 -9.57 6.97
N HIS A 317 13.71 -8.42 6.31
CA HIS A 317 12.78 -8.01 5.25
C HIS A 317 11.31 -8.01 5.71
N GLN A 318 11.07 -7.62 6.95
CA GLN A 318 9.72 -7.57 7.50
C GLN A 318 9.48 -6.27 8.27
N LYS A 319 8.46 -5.52 7.87
CA LYS A 319 8.13 -4.26 8.52
C LYS A 319 7.54 -4.54 9.88
N ILE A 320 8.41 -4.51 10.88
CA ILE A 320 8.06 -4.78 12.27
C ILE A 320 7.27 -3.66 12.93
N VAL A 321 7.91 -2.50 13.06
CA VAL A 321 7.26 -1.34 13.67
C VAL A 321 7.11 -0.24 12.65
N GLU A 322 5.94 0.39 12.63
CA GLU A 322 5.67 1.45 11.68
C GLU A 322 5.15 2.69 12.43
N GLU A 323 5.31 3.86 11.82
CA GLU A 323 4.86 5.12 12.43
C GLU A 323 4.09 6.01 11.48
N ALA A 324 3.10 6.71 12.03
CA ALA A 324 2.30 7.65 11.27
C ALA A 324 2.12 8.90 12.14
N PRO A 325 2.51 10.08 11.63
CA PRO A 325 3.11 10.28 10.31
C PRO A 325 4.60 10.16 10.50
N ALA A 326 5.38 10.34 9.44
CA ALA A 326 6.84 10.27 9.54
C ALA A 326 7.41 11.61 10.01
N THR A 327 7.91 11.65 11.25
CA THR A 327 8.45 12.87 11.78
C THR A 327 9.97 12.96 11.73
N ILE A 328 10.63 11.81 11.59
CA ILE A 328 12.09 11.75 11.53
C ILE A 328 12.69 12.74 10.54
N ALA A 329 11.98 12.98 9.45
CA ALA A 329 12.45 13.89 8.42
C ALA A 329 11.78 15.25 8.55
N PRO A 330 12.51 16.31 8.20
CA PRO A 330 11.97 17.67 8.26
C PRO A 330 10.68 17.80 7.46
N LEU A 331 9.66 18.37 8.10
CA LEU A 331 8.36 18.54 7.46
C LEU A 331 8.49 19.16 6.06
N ALA A 332 9.47 20.02 5.90
CA ALA A 332 9.71 20.69 4.63
C ALA A 332 10.22 19.70 3.59
N ILE A 333 11.13 18.82 3.99
CA ILE A 333 11.66 17.83 3.07
C ILE A 333 10.63 16.76 2.74
N PHE A 334 9.82 16.39 3.72
CA PHE A 334 8.81 15.37 3.48
C PHE A 334 7.71 15.89 2.55
N GLU A 335 7.31 17.14 2.72
CA GLU A 335 6.28 17.70 1.84
C GLU A 335 6.75 17.60 0.38
N PHE A 336 8.03 17.88 0.15
CA PHE A 336 8.57 17.79 -1.21
C PHE A 336 8.41 16.35 -1.71
N MET A 337 8.71 15.39 -0.84
CA MET A 337 8.59 13.99 -1.23
C MET A 337 7.14 13.68 -1.58
N GLU A 338 6.21 14.37 -0.94
CA GLU A 338 4.80 14.18 -1.21
C GLU A 338 4.60 14.68 -2.64
N GLN A 339 5.04 15.91 -2.88
CA GLN A 339 4.94 16.56 -4.18
C GLN A 339 5.49 15.70 -5.35
N CYS A 340 6.68 15.11 -5.16
CA CYS A 340 7.25 14.29 -6.21
C CYS A 340 6.37 13.04 -6.37
N ALA A 341 5.80 12.58 -5.27
CA ALA A 341 4.94 11.41 -5.30
C ALA A 341 3.66 11.71 -6.08
N ILE A 342 3.11 12.91 -5.89
CA ILE A 342 1.90 13.31 -6.60
C ILE A 342 2.21 13.53 -8.07
N ARG A 343 3.40 14.08 -8.37
CA ARG A 343 3.81 14.29 -9.77
C ARG A 343 3.94 12.93 -10.43
N LEU A 344 4.58 12.00 -9.74
CA LEU A 344 4.73 10.68 -10.31
C LEU A 344 3.36 10.06 -10.57
N ALA A 345 2.45 10.19 -9.60
CA ALA A 345 1.11 9.62 -9.74
C ALA A 345 0.33 10.24 -10.89
N LYS A 346 0.25 11.57 -10.90
CA LYS A 346 -0.49 12.25 -11.95
C LYS A 346 0.05 11.87 -13.33
N THR A 347 1.37 11.72 -13.42
CA THR A 347 2.00 11.36 -14.68
C THR A 347 1.65 9.98 -15.28
N VAL A 348 1.46 8.96 -14.46
CA VAL A 348 1.10 7.65 -15.01
C VAL A 348 -0.43 7.52 -15.03
N GLY A 349 -1.10 8.62 -14.72
CA GLY A 349 -2.56 8.62 -14.69
C GLY A 349 -3.13 7.71 -13.61
N TYR A 350 -2.51 7.73 -12.43
CA TYR A 350 -2.95 6.89 -11.33
C TYR A 350 -4.35 7.23 -10.83
N VAL A 351 -5.03 6.20 -10.35
CA VAL A 351 -6.37 6.34 -9.82
C VAL A 351 -6.46 5.47 -8.56
N SER A 352 -7.26 5.91 -7.59
CA SER A 352 -7.46 5.18 -6.33
C SER A 352 -6.34 5.49 -5.32
N ALA A 353 -5.96 4.49 -4.53
CA ALA A 353 -4.92 4.68 -3.53
C ALA A 353 -3.63 3.95 -3.87
N GLY A 354 -2.51 4.54 -3.49
CA GLY A 354 -1.23 3.92 -3.78
C GLY A 354 -0.14 4.52 -2.92
N THR A 355 0.99 3.83 -2.82
CA THR A 355 2.09 4.29 -1.99
C THR A 355 3.35 4.55 -2.79
N VAL A 356 4.11 5.59 -2.42
CA VAL A 356 5.38 5.89 -3.07
C VAL A 356 6.45 5.72 -2.01
N GLU A 357 7.30 4.70 -2.15
CA GLU A 357 8.34 4.49 -1.14
C GLU A 357 9.59 5.30 -1.43
N TYR A 358 10.12 5.96 -0.41
CA TYR A 358 11.31 6.76 -0.55
C TYR A 358 12.37 6.24 0.39
N LEU A 359 13.58 6.74 0.24
CA LEU A 359 14.70 6.36 1.08
C LEU A 359 15.32 7.66 1.59
N TYR A 360 15.03 8.01 2.84
CA TYR A 360 15.56 9.23 3.43
C TYR A 360 16.86 8.96 4.17
N SER A 361 17.90 9.72 3.85
CA SER A 361 19.18 9.52 4.51
C SER A 361 19.41 10.50 5.65
N GLN A 362 20.26 10.08 6.58
CA GLN A 362 20.60 10.85 7.76
C GLN A 362 20.82 12.32 7.43
N ASP A 363 21.69 12.59 6.45
CA ASP A 363 21.98 13.96 6.02
C ASP A 363 20.68 14.71 5.70
N GLY A 364 20.20 14.55 4.47
CA GLY A 364 18.97 15.21 4.07
C GLY A 364 18.56 14.83 2.67
N SER A 365 19.16 13.78 2.14
CA SER A 365 18.85 13.32 0.78
C SER A 365 17.87 12.18 0.78
N PHE A 366 17.04 12.13 -0.24
CA PHE A 366 16.06 11.05 -0.33
C PHE A 366 16.07 10.45 -1.73
N HIS A 367 15.60 9.21 -1.86
CA HIS A 367 15.58 8.55 -3.15
C HIS A 367 14.32 7.76 -3.42
N PHE A 368 13.78 7.92 -4.62
CA PHE A 368 12.59 7.18 -4.99
C PHE A 368 12.99 5.72 -5.03
N LEU A 369 12.07 4.86 -4.60
CA LEU A 369 12.30 3.43 -4.59
C LEU A 369 11.27 2.70 -5.42
N GLU A 370 10.01 3.04 -5.24
CA GLU A 370 8.93 2.41 -5.99
C GLU A 370 7.58 3.01 -5.69
N LEU A 371 6.59 2.61 -6.47
CA LEU A 371 5.24 3.08 -6.24
C LEU A 371 4.38 1.84 -6.23
N ASN A 372 3.82 1.53 -5.06
CA ASN A 372 2.93 0.38 -4.89
C ASN A 372 1.57 0.76 -5.46
N PRO A 373 1.16 0.09 -6.53
CA PRO A 373 -0.12 0.36 -7.17
C PRO A 373 -1.30 -0.23 -6.42
N ARG A 374 -1.15 -0.35 -5.11
CA ARG A 374 -2.22 -0.91 -4.30
C ARG A 374 -2.28 -0.34 -2.89
N LEU A 375 -3.33 -0.73 -2.18
CA LEU A 375 -3.50 -0.32 -0.80
C LEU A 375 -2.64 -1.30 -0.03
N GLN A 376 -2.09 -0.87 1.11
CA GLN A 376 -1.27 -1.76 1.93
C GLN A 376 -1.97 -2.23 3.20
N VAL A 377 -1.37 -3.20 3.86
CA VAL A 377 -1.97 -3.72 5.07
C VAL A 377 -1.91 -2.74 6.22
N GLU A 378 -0.84 -1.95 6.28
CA GLU A 378 -0.68 -1.00 7.37
C GLU A 378 -1.31 0.33 7.06
N HIS A 379 -2.29 0.34 6.17
CA HIS A 379 -2.95 1.57 5.81
C HIS A 379 -3.73 2.23 6.95
N PRO A 380 -4.26 1.43 7.91
CA PRO A 380 -5.00 2.09 8.99
C PRO A 380 -4.25 3.24 9.64
N CYS A 381 -2.92 3.16 9.66
CA CYS A 381 -2.10 4.24 10.22
C CYS A 381 -2.62 5.59 9.71
N THR A 382 -2.61 5.72 8.39
CA THR A 382 -3.06 6.90 7.70
C THR A 382 -4.51 7.21 8.06
N GLU A 383 -5.38 6.20 7.98
CA GLU A 383 -6.79 6.44 8.29
C GLU A 383 -6.92 7.14 9.65
N MET A 384 -6.18 6.63 10.63
CA MET A 384 -6.22 7.17 11.97
C MET A 384 -5.71 8.59 12.14
N ILE A 385 -4.78 9.03 11.31
CA ILE A 385 -4.28 10.38 11.50
C ILE A 385 -4.82 11.37 10.49
N ALA A 386 -5.62 10.88 9.55
CA ALA A 386 -6.17 11.77 8.54
C ALA A 386 -7.68 11.75 8.45
N ASP A 387 -8.29 10.82 9.17
CA ASP A 387 -9.74 10.66 9.17
C ASP A 387 -10.25 10.39 7.78
N VAL A 388 -9.67 9.38 7.16
CA VAL A 388 -10.07 8.98 5.85
C VAL A 388 -10.31 7.47 5.85
N ASN A 389 -11.53 7.08 5.49
CA ASN A 389 -11.90 5.66 5.39
C ASN A 389 -11.43 5.31 3.96
N LEU A 390 -10.22 4.79 3.84
CA LEU A 390 -9.67 4.47 2.53
C LEU A 390 -10.46 3.52 1.62
N PRO A 391 -10.92 2.37 2.14
CA PRO A 391 -11.67 1.54 1.20
C PRO A 391 -12.94 2.27 0.77
N ALA A 392 -13.53 3.03 1.69
CA ALA A 392 -14.73 3.77 1.34
C ALA A 392 -14.28 4.76 0.26
N ALA A 393 -13.13 5.40 0.47
CA ALA A 393 -12.64 6.35 -0.53
C ALA A 393 -12.53 5.64 -1.89
N GLN A 394 -11.82 4.51 -1.92
CA GLN A 394 -11.68 3.75 -3.16
C GLN A 394 -13.04 3.54 -3.83
N LEU A 395 -13.98 2.93 -3.11
CA LEU A 395 -15.30 2.68 -3.68
C LEU A 395 -15.96 3.92 -4.29
N GLN A 396 -15.95 5.04 -3.57
CA GLN A 396 -16.57 6.25 -4.12
C GLN A 396 -15.85 6.71 -5.40
N ILE A 397 -14.53 6.62 -5.40
CA ILE A 397 -13.72 7.01 -6.56
C ILE A 397 -14.04 6.13 -7.77
N ALA A 398 -14.31 4.85 -7.51
CA ALA A 398 -14.65 3.86 -8.53
C ALA A 398 -16.03 4.12 -9.12
N MET A 399 -16.87 4.83 -8.38
CA MET A 399 -18.21 5.18 -8.85
C MET A 399 -18.09 6.50 -9.59
N GLY A 400 -16.88 7.06 -9.60
CA GLY A 400 -16.64 8.32 -10.29
C GLY A 400 -16.79 9.60 -9.48
N VAL A 401 -16.84 9.49 -8.16
CA VAL A 401 -16.98 10.68 -7.35
C VAL A 401 -15.62 11.37 -7.32
N PRO A 402 -15.58 12.69 -7.56
CA PRO A 402 -14.33 13.45 -7.55
C PRO A 402 -13.85 13.72 -6.13
N LEU A 403 -12.55 13.84 -5.97
CA LEU A 403 -11.92 14.07 -4.68
C LEU A 403 -12.59 15.10 -3.76
N HIS A 404 -12.87 16.28 -4.28
CA HIS A 404 -13.49 17.35 -3.51
C HIS A 404 -14.92 17.08 -3.06
N ARG A 405 -15.48 15.95 -3.49
CA ARG A 405 -16.85 15.55 -3.10
C ARG A 405 -16.88 14.40 -2.09
N LEU A 406 -15.71 14.02 -1.59
CA LEU A 406 -15.60 12.98 -0.60
C LEU A 406 -15.54 13.74 0.74
N LYS A 407 -16.58 13.59 1.56
CA LYS A 407 -16.66 14.25 2.86
C LYS A 407 -15.33 14.21 3.62
N ASP A 408 -14.81 13.01 3.85
CA ASP A 408 -13.54 12.84 4.58
C ASP A 408 -12.45 13.80 4.12
N ILE A 409 -12.22 13.85 2.80
CA ILE A 409 -11.20 14.73 2.23
C ILE A 409 -11.58 16.20 2.42
N ARG A 410 -12.86 16.53 2.33
CA ARG A 410 -13.28 17.93 2.53
C ARG A 410 -13.00 18.33 3.99
N LEU A 411 -13.39 17.48 4.93
CA LEU A 411 -13.16 17.80 6.33
C LEU A 411 -11.65 17.94 6.57
N LEU A 412 -10.85 17.06 5.95
CA LEU A 412 -9.39 17.10 6.12
C LEU A 412 -8.86 18.46 5.66
N TYR A 413 -9.52 19.04 4.65
CA TYR A 413 -9.11 20.35 4.11
C TYR A 413 -9.77 21.55 4.79
N GLY A 414 -10.52 21.29 5.86
CA GLY A 414 -11.16 22.37 6.58
C GLY A 414 -12.39 22.94 5.88
N GLU A 415 -12.97 22.17 4.98
CA GLU A 415 -14.16 22.59 4.23
C GLU A 415 -15.42 21.94 4.80
N SER A 416 -16.57 22.29 4.25
CA SER A 416 -17.85 21.74 4.69
C SER A 416 -17.99 20.25 4.35
N PRO A 417 -18.57 19.46 5.27
CA PRO A 417 -18.79 18.02 5.12
C PRO A 417 -19.45 17.63 3.80
N TRP A 418 -20.53 18.34 3.45
CA TRP A 418 -21.26 18.06 2.21
C TRP A 418 -21.35 19.25 1.27
N GLY A 419 -20.28 20.05 1.20
CA GLY A 419 -20.27 21.19 0.30
C GLY A 419 -20.06 20.68 -1.11
N VAL A 420 -19.89 21.60 -2.06
CA VAL A 420 -19.70 21.23 -3.45
C VAL A 420 -18.62 22.08 -4.08
N THR A 421 -18.28 23.17 -3.42
CA THR A 421 -17.26 24.08 -3.93
C THR A 421 -15.96 23.33 -4.19
N PRO A 422 -15.27 23.68 -5.28
CA PRO A 422 -14.00 23.05 -5.66
C PRO A 422 -13.03 23.26 -4.53
N ILE A 423 -11.89 22.57 -4.58
CA ILE A 423 -10.87 22.70 -3.55
C ILE A 423 -9.52 22.80 -4.23
N SER A 424 -8.75 23.83 -3.88
CA SER A 424 -7.44 23.99 -4.50
C SER A 424 -6.42 23.18 -3.71
N PHE A 425 -6.17 21.95 -4.16
CA PHE A 425 -5.23 21.05 -3.50
C PHE A 425 -3.79 21.55 -3.52
N GLU A 426 -3.38 22.16 -4.64
CA GLU A 426 -2.01 22.67 -4.78
C GLU A 426 -1.67 23.72 -3.72
N THR A 427 -2.58 24.66 -3.52
CA THR A 427 -2.38 25.73 -2.54
C THR A 427 -3.69 25.93 -1.76
N PRO A 428 -3.99 25.00 -0.83
CA PRO A 428 -5.19 24.99 0.02
C PRO A 428 -5.30 26.14 1.00
N SER A 429 -6.54 26.55 1.29
CA SER A 429 -6.76 27.64 2.24
C SER A 429 -6.52 27.19 3.68
N ASN A 430 -6.64 25.89 3.93
CA ASN A 430 -6.39 25.32 5.27
C ASN A 430 -5.58 24.03 5.13
N PRO A 431 -4.26 24.16 4.92
CA PRO A 431 -3.35 23.02 4.76
C PRO A 431 -3.61 22.00 5.87
N PRO A 432 -4.02 20.78 5.49
CA PRO A 432 -4.32 19.72 6.47
C PRO A 432 -3.19 19.39 7.45
N LEU A 433 -3.59 19.00 8.65
CA LEU A 433 -2.66 18.65 9.72
C LEU A 433 -3.08 17.28 10.24
N ALA A 434 -2.12 16.39 10.41
CA ALA A 434 -2.46 15.07 10.92
C ALA A 434 -2.88 15.14 12.40
N ARG A 435 -3.94 14.40 12.72
CA ARG A 435 -4.47 14.37 14.07
C ARG A 435 -3.72 13.35 14.93
N GLY A 436 -2.83 13.84 15.79
CA GLY A 436 -2.09 12.96 16.68
C GLY A 436 -0.96 12.16 16.06
N HIS A 437 -0.72 10.98 16.65
CA HIS A 437 0.33 10.10 16.19
C HIS A 437 -0.12 8.64 16.30
N VAL A 438 0.45 7.79 15.44
CA VAL A 438 0.11 6.37 15.43
C VAL A 438 1.33 5.45 15.38
N ILE A 439 1.30 4.40 16.19
CA ILE A 439 2.37 3.43 16.21
C ILE A 439 1.73 2.12 15.81
N ALA A 440 2.39 1.37 14.93
CA ALA A 440 1.83 0.08 14.53
C ALA A 440 2.93 -0.95 14.62
N ALA A 441 2.57 -2.11 15.16
CA ALA A 441 3.51 -3.20 15.34
C ALA A 441 2.99 -4.50 14.75
N ARG A 442 3.86 -5.23 14.06
CA ARG A 442 3.50 -6.50 13.48
C ARG A 442 3.76 -7.49 14.60
N ILE A 443 2.84 -8.43 14.82
CA ILE A 443 2.98 -9.40 15.90
C ILE A 443 2.90 -10.85 15.45
N THR A 444 3.52 -11.73 16.23
CA THR A 444 3.54 -13.16 15.91
C THR A 444 3.08 -14.09 17.06
N SER A 445 2.46 -15.21 16.69
CA SER A 445 1.97 -16.18 17.66
C SER A 445 3.12 -16.94 18.31
N GLU A 446 2.79 -17.82 19.25
CA GLU A 446 3.80 -18.61 19.94
C GLU A 446 4.16 -19.83 19.11
N SER A 456 -10.98 -22.75 14.96
CA SER A 456 -11.54 -22.35 13.68
C SER A 456 -11.51 -20.83 13.48
N GLY A 457 -11.14 -20.41 12.27
CA GLY A 457 -11.08 -18.99 11.95
C GLY A 457 -9.74 -18.58 11.37
N THR A 458 -9.76 -17.63 10.43
CA THR A 458 -8.52 -17.17 9.81
C THR A 458 -8.11 -15.78 10.31
N VAL A 459 -9.05 -15.03 10.87
CA VAL A 459 -8.75 -13.69 11.37
C VAL A 459 -9.44 -13.41 12.71
N GLN A 460 -8.65 -13.17 13.74
CA GLN A 460 -9.19 -12.91 15.07
C GLN A 460 -9.12 -11.44 15.42
N GLU A 461 -10.21 -10.88 15.89
CA GLU A 461 -10.23 -9.46 16.24
C GLU A 461 -9.68 -9.22 17.65
N LEU A 462 -8.56 -8.52 17.74
CA LEU A 462 -7.95 -8.24 19.03
C LEU A 462 -8.46 -6.94 19.67
N ASN A 463 -8.85 -7.05 20.94
CA ASN A 463 -9.30 -5.90 21.73
C ASN A 463 -8.49 -5.85 23.02
N PHE A 464 -8.37 -4.65 23.57
CA PHE A 464 -7.59 -4.46 24.78
C PHE A 464 -8.32 -3.66 25.83
N ARG A 465 -8.48 -4.26 27.01
CA ARG A 465 -9.16 -3.59 28.13
C ARG A 465 -8.24 -2.53 28.69
N SER A 466 -6.93 -2.77 28.53
CA SER A 466 -5.88 -1.89 29.00
C SER A 466 -5.92 -0.54 28.30
N SER A 467 -5.45 -0.50 27.07
CA SER A 467 -5.45 0.74 26.31
C SER A 467 -6.72 0.79 25.45
N LYS A 468 -7.40 1.93 25.47
CA LYS A 468 -8.63 2.08 24.70
C LYS A 468 -8.38 2.62 23.30
N ASN A 469 -7.16 3.11 23.06
CA ASN A 469 -6.78 3.68 21.78
C ASN A 469 -5.91 2.73 20.96
N VAL A 470 -6.15 1.44 21.15
CA VAL A 470 -5.40 0.44 20.43
C VAL A 470 -6.31 -0.69 20.01
N TRP A 471 -6.14 -1.15 18.77
CA TRP A 471 -6.92 -2.26 18.25
C TRP A 471 -6.00 -3.07 17.36
N GLY A 472 -6.33 -4.35 17.20
CA GLY A 472 -5.52 -5.22 16.37
C GLY A 472 -6.28 -6.40 15.85
N TYR A 473 -5.55 -7.41 15.40
CA TYR A 473 -6.15 -8.62 14.87
C TYR A 473 -5.03 -9.64 14.74
N PHE A 474 -5.38 -10.84 14.31
CA PHE A 474 -4.38 -11.88 14.16
C PHE A 474 -4.84 -12.91 13.13
N SER A 475 -4.11 -13.01 12.03
CA SER A 475 -4.48 -13.95 10.97
C SER A 475 -3.83 -15.30 11.21
N VAL A 476 -4.60 -16.36 11.05
CA VAL A 476 -4.11 -17.71 11.25
C VAL A 476 -4.74 -18.68 10.25
N GLN A 489 -0.18 -17.24 12.98
CA GLN A 489 0.88 -16.74 12.11
C GLN A 489 1.30 -15.31 12.46
N PHE A 490 0.63 -14.31 11.86
CA PHE A 490 0.96 -12.91 12.12
C PHE A 490 -0.25 -11.98 12.23
N GLY A 491 0.00 -10.77 12.68
CA GLY A 491 -1.06 -9.77 12.82
C GLY A 491 -0.48 -8.37 13.07
N HIS A 492 -1.38 -7.40 13.24
CA HIS A 492 -0.95 -6.03 13.52
C HIS A 492 -1.69 -5.37 14.66
N CYS A 493 -1.02 -4.43 15.31
CA CYS A 493 -1.64 -3.67 16.38
C CYS A 493 -1.45 -2.23 16.03
N PHE A 494 -2.54 -1.47 16.10
CA PHE A 494 -2.52 -0.06 15.76
C PHE A 494 -2.86 0.82 16.96
N SER A 495 -1.85 1.54 17.44
CA SER A 495 -2.01 2.42 18.59
C SER A 495 -2.03 3.92 18.28
N TRP A 496 -3.06 4.61 18.75
CA TRP A 496 -3.15 6.05 18.53
C TRP A 496 -2.81 6.81 19.80
N GLY A 497 -2.35 8.05 19.64
CA GLY A 497 -2.02 8.87 20.79
C GLY A 497 -2.09 10.34 20.41
N GLU A 498 -2.21 11.22 21.41
CA GLU A 498 -2.29 12.67 21.18
C GLU A 498 -0.96 13.12 20.56
N ASN A 499 0.12 12.47 20.96
CA ASN A 499 1.46 12.74 20.43
C ASN A 499 2.20 11.40 20.34
N ARG A 500 3.37 11.41 19.69
CA ARG A 500 4.14 10.18 19.56
C ARG A 500 4.33 9.48 20.89
N GLU A 501 4.68 10.25 21.92
CA GLU A 501 4.92 9.76 23.28
C GLU A 501 3.76 8.91 23.81
N GLU A 502 2.55 9.44 23.69
CA GLU A 502 1.37 8.74 24.16
C GLU A 502 1.08 7.55 23.26
N ALA A 503 1.31 7.74 21.96
CA ALA A 503 1.08 6.66 21.00
C ALA A 503 1.92 5.46 21.41
N ILE A 504 3.19 5.69 21.75
CA ILE A 504 4.07 4.61 22.16
C ILE A 504 3.64 3.96 23.47
N SER A 505 3.41 4.77 24.50
CA SER A 505 2.98 4.23 25.80
C SER A 505 1.79 3.30 25.64
N ASN A 506 0.77 3.77 24.91
CA ASN A 506 -0.42 2.94 24.68
C ASN A 506 -0.03 1.58 24.11
N MET A 507 0.73 1.59 23.01
CA MET A 507 1.15 0.36 22.36
C MET A 507 1.80 -0.59 23.37
N VAL A 508 2.72 -0.07 24.16
CA VAL A 508 3.42 -0.88 25.17
C VAL A 508 2.44 -1.57 26.13
N VAL A 509 1.46 -0.81 26.64
CA VAL A 509 0.47 -1.38 27.56
C VAL A 509 -0.33 -2.44 26.82
N ALA A 510 -0.75 -2.12 25.61
CA ALA A 510 -1.51 -3.07 24.82
C ALA A 510 -0.70 -4.37 24.63
N LEU A 511 0.56 -4.22 24.21
CA LEU A 511 1.41 -5.37 23.98
C LEU A 511 1.56 -6.17 25.24
N LYS A 512 1.69 -5.45 26.36
CA LYS A 512 1.81 -6.13 27.63
C LYS A 512 0.50 -6.86 27.89
N GLU A 513 -0.62 -6.21 27.56
CA GLU A 513 -1.89 -6.90 27.79
C GLU A 513 -1.94 -8.15 26.91
N LEU A 514 -1.12 -8.15 25.85
CA LEU A 514 -1.06 -9.26 24.92
C LEU A 514 -0.24 -10.41 25.50
N SER A 515 0.88 -10.08 26.14
CA SER A 515 1.77 -11.08 26.73
C SER A 515 1.05 -12.05 27.66
N ILE A 516 -0.06 -11.60 28.25
CA ILE A 516 -0.83 -12.47 29.13
C ILE A 516 -1.28 -13.68 28.29
N ARG A 517 -1.99 -13.43 27.19
CA ARG A 517 -2.43 -14.54 26.33
C ARG A 517 -1.24 -15.50 26.16
N GLY A 518 -1.52 -16.79 26.30
CA GLY A 518 -0.46 -17.79 26.17
C GLY A 518 0.29 -17.71 24.86
N ASP A 519 -0.44 -17.52 23.77
CA ASP A 519 0.18 -17.43 22.45
C ASP A 519 1.08 -16.20 22.28
N PHE A 520 1.13 -15.33 23.29
CA PHE A 520 1.97 -14.13 23.20
C PHE A 520 2.87 -13.87 24.41
N ARG A 521 3.11 -14.90 25.23
CA ARG A 521 3.94 -14.74 26.41
C ARG A 521 5.43 -14.65 26.08
N THR A 522 5.75 -14.46 24.81
CA THR A 522 7.15 -14.40 24.38
C THR A 522 7.37 -13.51 23.17
N THR A 523 6.69 -13.84 22.09
CA THR A 523 6.79 -13.14 20.82
C THR A 523 6.69 -11.61 20.84
N VAL A 524 5.95 -11.06 21.81
CA VAL A 524 5.78 -9.61 21.92
C VAL A 524 6.67 -9.00 22.99
N GLU A 525 7.70 -9.73 23.40
CA GLU A 525 8.59 -9.24 24.43
C GLU A 525 9.65 -8.32 23.87
N TYR A 526 10.17 -8.65 22.69
CA TYR A 526 11.19 -7.81 22.09
C TYR A 526 10.59 -6.49 21.61
N LEU A 527 9.32 -6.53 21.18
CA LEU A 527 8.65 -5.31 20.72
C LEU A 527 8.57 -4.27 21.83
N ILE A 528 8.37 -4.72 23.06
CA ILE A 528 8.30 -3.85 24.22
C ILE A 528 9.70 -3.29 24.50
N ASN A 529 10.68 -4.18 24.52
CA ASN A 529 12.06 -3.80 24.78
C ASN A 529 12.55 -2.79 23.79
N LEU A 530 12.08 -2.97 22.55
CA LEU A 530 12.43 -2.13 21.43
C LEU A 530 11.78 -0.77 21.62
N LEU A 531 10.48 -0.78 21.85
CA LEU A 531 9.75 0.46 22.02
C LEU A 531 10.22 1.27 23.22
N GLU A 532 10.81 0.61 24.21
CA GLU A 532 11.26 1.32 25.39
C GLU A 532 12.71 1.75 25.39
N THR A 533 13.49 1.19 24.48
CA THR A 533 14.91 1.57 24.35
C THR A 533 15.01 3.08 24.14
N GLU A 534 15.84 3.75 24.92
CA GLU A 534 15.97 5.19 24.81
C GLU A 534 16.15 5.66 23.36
N SER A 535 16.84 4.87 22.58
CA SER A 535 17.10 5.20 21.18
C SER A 535 15.79 5.45 20.43
N PHE A 536 14.85 4.52 20.52
CA PHE A 536 13.55 4.64 19.87
C PHE A 536 12.77 5.81 20.47
N GLN A 537 12.84 5.94 21.79
CA GLN A 537 12.15 6.99 22.53
C GLN A 537 12.47 8.38 21.96
N ASN A 538 13.75 8.69 21.86
CA ASN A 538 14.17 9.98 21.34
C ASN A 538 13.98 10.05 19.82
N ASN A 539 13.64 8.92 19.21
CA ASN A 539 13.43 8.83 17.77
C ASN A 539 14.69 9.25 17.03
N ASP A 540 15.82 8.66 17.41
CA ASP A 540 17.09 8.95 16.77
C ASP A 540 17.02 8.68 15.28
N ILE A 541 17.93 9.29 14.51
CA ILE A 541 17.96 9.08 13.08
C ILE A 541 18.52 7.68 12.77
N ASP A 542 19.65 7.33 13.39
CA ASP A 542 20.28 6.02 13.17
C ASP A 542 19.43 4.85 13.64
N THR A 543 19.41 3.78 12.86
CA THR A 543 18.62 2.60 13.18
C THR A 543 19.53 1.39 13.35
N GLY A 544 20.78 1.64 13.75
CA GLY A 544 21.74 0.58 13.92
C GLY A 544 21.58 -0.21 15.20
N TRP A 545 20.99 0.43 16.21
CA TRP A 545 20.78 -0.19 17.52
C TRP A 545 19.92 -1.45 17.53
N LEU A 546 19.16 -1.68 16.46
CA LEU A 546 18.31 -2.85 16.40
C LEU A 546 19.09 -4.15 16.44
N ASP A 547 20.24 -4.12 15.81
CA ASP A 547 21.09 -5.31 15.77
C ASP A 547 21.50 -5.80 17.15
N TYR A 548 22.11 -4.93 17.96
CA TYR A 548 22.52 -5.34 19.30
C TYR A 548 21.44 -5.11 20.34
N LEU A 549 20.24 -5.64 20.07
CA LEU A 549 19.11 -5.48 20.97
C LEU A 549 19.02 -6.67 21.92
#